data_2DX4
#
_entry.id   2DX4
#
_entity_poly.entity_id   1
_entity_poly.type   'polypeptide(L)'
_entity_poly.pdbx_seq_one_letter_code
;INYWLAHAKAGYIVHWTA
;
_entity_poly.pdbx_strand_id   A
#
# COMPACT_ATOMS: atom_id res chain seq x y z
N ILE A 1 -9.87 -3.59 -4.66
CA ILE A 1 -9.53 -2.74 -3.53
C ILE A 1 -8.47 -3.43 -2.67
N ASN A 2 -7.87 -2.66 -1.77
CA ASN A 2 -6.85 -3.18 -0.89
C ASN A 2 -5.52 -3.25 -1.65
N TYR A 3 -5.01 -2.08 -2.01
CA TYR A 3 -3.75 -1.99 -2.73
C TYR A 3 -2.59 -1.66 -1.78
N TRP A 4 -2.26 -2.63 -0.94
CA TRP A 4 -1.19 -2.45 0.01
C TRP A 4 0.14 -2.43 -0.76
N LEU A 5 0.67 -3.61 -0.99
CA LEU A 5 1.93 -3.75 -1.71
C LEU A 5 3.07 -3.15 -0.88
N ALA A 6 2.73 -2.80 0.36
CA ALA A 6 3.70 -2.21 1.26
C ALA A 6 5.06 -2.90 1.06
N HIS A 7 5.96 -2.18 0.43
CA HIS A 7 7.30 -2.72 0.17
C HIS A 7 8.29 -1.56 0.07
N ALA A 8 8.05 -0.69 -0.90
CA ALA A 8 8.92 0.45 -1.12
C ALA A 8 8.34 1.31 -2.25
N LYS A 9 8.93 1.14 -3.43
CA LYS A 9 8.48 1.90 -4.60
C LYS A 9 8.03 3.29 -4.16
N ALA A 10 8.91 3.96 -3.42
CA ALA A 10 8.61 5.30 -2.93
C ALA A 10 7.57 5.21 -1.82
N GLY A 11 7.92 4.45 -0.78
CA GLY A 11 7.03 4.28 0.35
C GLY A 11 5.59 4.03 -0.11
N TYR A 12 5.47 3.16 -1.11
CA TYR A 12 4.16 2.84 -1.65
C TYR A 12 3.23 2.33 -0.56
N ILE A 13 3.82 1.92 0.55
CA ILE A 13 3.07 1.41 1.68
C ILE A 13 1.95 2.41 2.02
N VAL A 14 0.75 1.88 2.17
CA VAL A 14 -0.40 2.71 2.50
C VAL A 14 -1.12 2.11 3.71
N HIS A 15 -2.41 2.41 3.80
CA HIS A 15 -3.22 1.91 4.90
C HIS A 15 -4.70 2.07 4.55
N TRP A 16 -5.08 1.48 3.44
CA TRP A 16 -6.46 1.55 2.99
C TRP A 16 -7.29 0.65 3.89
N THR A 17 -8.46 0.27 3.38
CA THR A 17 -9.37 -0.59 4.13
C THR A 17 -10.72 -0.67 3.43
N ALA A 18 -11.19 -1.90 3.27
CA ALA A 18 -12.47 -2.14 2.63
C ALA A 18 -13.58 -1.43 3.42
N ILE A 1 -11.10 -3.24 -5.12
CA ILE A 1 -10.65 -3.53 -3.77
C ILE A 1 -9.41 -2.69 -3.47
N ASN A 2 -9.08 -2.63 -2.19
CA ASN A 2 -7.91 -1.88 -1.74
C ASN A 2 -6.64 -2.65 -2.09
N TYR A 3 -5.68 -1.93 -2.65
CA TYR A 3 -4.42 -2.55 -3.02
C TYR A 3 -3.29 -2.10 -2.09
N TRP A 4 -3.28 -2.70 -0.90
CA TRP A 4 -2.26 -2.37 0.09
C TRP A 4 -0.92 -2.22 -0.64
N LEU A 5 -0.35 -3.37 -0.97
CA LEU A 5 0.93 -3.38 -1.67
C LEU A 5 1.99 -2.72 -0.78
N ALA A 6 1.62 -2.49 0.46
CA ALA A 6 2.53 -1.88 1.42
C ALA A 6 3.94 -2.41 1.19
N HIS A 7 4.73 -1.63 0.46
CA HIS A 7 6.10 -2.02 0.16
C HIS A 7 6.89 -0.78 -0.28
N ALA A 8 8.18 -0.99 -0.50
CA ALA A 8 9.05 0.08 -0.92
C ALA A 8 8.35 0.92 -1.99
N LYS A 9 8.58 0.55 -3.23
CA LYS A 9 7.97 1.25 -4.35
C LYS A 9 7.89 2.75 -4.02
N ALA A 10 9.01 3.29 -3.57
CA ALA A 10 9.08 4.69 -3.22
C ALA A 10 8.27 4.93 -1.94
N GLY A 11 8.59 4.16 -0.92
CA GLY A 11 7.90 4.28 0.36
C GLY A 11 6.39 4.25 0.17
N TYR A 12 5.95 3.42 -0.76
CA TYR A 12 4.54 3.29 -1.06
C TYR A 12 3.78 2.71 0.14
N ILE A 13 4.55 2.22 1.10
CA ILE A 13 3.97 1.63 2.30
C ILE A 13 2.76 2.46 2.73
N VAL A 14 1.58 1.96 2.38
CA VAL A 14 0.35 2.64 2.73
C VAL A 14 -0.48 1.75 3.66
N HIS A 15 -1.73 2.14 3.85
CA HIS A 15 -2.63 1.39 4.70
C HIS A 15 -4.08 1.78 4.39
N TRP A 16 -4.46 1.61 3.14
CA TRP A 16 -5.80 1.95 2.71
C TRP A 16 -6.77 0.95 3.36
N THR A 17 -7.95 0.85 2.76
CA THR A 17 -8.96 -0.07 3.26
C THR A 17 -9.82 -0.59 2.11
N ALA A 18 -10.14 -1.89 2.19
CA ALA A 18 -10.94 -2.51 1.17
C ALA A 18 -12.06 -1.56 0.74
N ILE A 1 -10.71 -5.59 -4.26
CA ILE A 1 -10.02 -4.33 -4.07
C ILE A 1 -8.96 -4.49 -2.97
N ASN A 2 -7.86 -3.76 -3.14
CA ASN A 2 -6.78 -3.83 -2.18
C ASN A 2 -5.53 -3.19 -2.79
N TYR A 3 -4.80 -2.47 -1.94
CA TYR A 3 -3.58 -1.80 -2.38
C TYR A 3 -2.64 -1.55 -1.21
N TRP A 4 -2.80 -2.36 -0.17
CA TRP A 4 -1.98 -2.23 1.02
C TRP A 4 -0.52 -2.22 0.58
N LEU A 5 -0.10 -3.34 0.00
CA LEU A 5 1.27 -3.48 -0.47
C LEU A 5 2.22 -3.49 0.73
N ALA A 6 2.73 -2.32 1.04
CA ALA A 6 3.65 -2.17 2.16
C ALA A 6 5.07 -2.51 1.70
N HIS A 7 5.45 -1.90 0.57
CA HIS A 7 6.78 -2.12 0.01
C HIS A 7 7.36 -0.79 -0.46
N ALA A 8 8.62 -0.85 -0.88
CA ALA A 8 9.31 0.34 -1.35
C ALA A 8 8.42 1.06 -2.38
N LYS A 9 8.69 0.78 -3.64
CA LYS A 9 7.94 1.40 -4.72
C LYS A 9 7.72 2.88 -4.40
N ALA A 10 8.80 3.54 -4.04
CA ALA A 10 8.74 4.95 -3.71
C ALA A 10 7.93 5.14 -2.43
N GLY A 11 8.24 4.31 -1.44
CA GLY A 11 7.56 4.37 -0.16
C GLY A 11 6.05 4.16 -0.34
N TYR A 12 5.71 3.39 -1.36
CA TYR A 12 4.31 3.10 -1.64
C TYR A 12 3.60 2.57 -0.41
N ILE A 13 4.38 2.11 0.54
CA ILE A 13 3.84 1.57 1.78
C ILE A 13 2.74 2.50 2.28
N VAL A 14 1.57 1.90 2.53
CA VAL A 14 0.44 2.65 3.02
C VAL A 14 -0.41 1.77 3.93
N HIS A 15 -1.65 2.18 4.13
CA HIS A 15 -2.57 1.43 4.97
C HIS A 15 -4.02 1.75 4.57
N TRP A 16 -4.30 1.51 3.29
CA TRP A 16 -5.63 1.76 2.77
C TRP A 16 -6.54 0.61 3.21
N THR A 17 -7.65 0.47 2.51
CA THR A 17 -8.60 -0.58 2.81
C THR A 17 -9.39 -0.97 1.55
N ALA A 18 -10.04 -2.13 1.63
CA ALA A 18 -10.83 -2.61 0.51
C ALA A 18 -12.23 -1.99 0.57
N ILE A 1 -10.65 -2.45 -5.45
CA ILE A 1 -10.27 -2.78 -4.08
C ILE A 1 -8.98 -2.05 -3.73
N ASN A 2 -8.70 -2.02 -2.43
CA ASN A 2 -7.49 -1.36 -1.94
C ASN A 2 -6.28 -2.25 -2.22
N TYR A 3 -5.11 -1.62 -2.20
CA TYR A 3 -3.87 -2.35 -2.45
C TYR A 3 -2.84 -2.05 -1.35
N TRP A 4 -3.06 -2.67 -0.20
CA TRP A 4 -2.17 -2.49 0.93
C TRP A 4 -0.73 -2.50 0.41
N LEU A 5 -0.36 -3.65 -0.16
CA LEU A 5 0.98 -3.81 -0.70
C LEU A 5 2.01 -3.71 0.43
N ALA A 6 2.75 -2.61 0.42
CA ALA A 6 3.76 -2.37 1.43
C ALA A 6 5.04 -3.10 1.04
N HIS A 7 5.91 -2.38 0.33
CA HIS A 7 7.17 -2.93 -0.11
C HIS A 7 8.18 -1.81 -0.32
N ALA A 8 7.86 -0.95 -1.27
CA ALA A 8 8.73 0.18 -1.60
C ALA A 8 8.09 1.02 -2.70
N LYS A 9 8.56 0.79 -3.92
CA LYS A 9 8.04 1.52 -5.07
C LYS A 9 7.67 2.94 -4.64
N ALA A 10 8.63 3.61 -4.02
CA ALA A 10 8.42 4.97 -3.56
C ALA A 10 7.51 4.96 -2.33
N GLY A 11 7.95 4.22 -1.32
CA GLY A 11 7.20 4.10 -0.09
C GLY A 11 5.71 3.90 -0.37
N TYR A 12 5.44 3.02 -1.32
CA TYR A 12 4.07 2.72 -1.71
C TYR A 12 3.25 2.24 -0.50
N ILE A 13 3.98 1.81 0.53
CA ILE A 13 3.34 1.33 1.74
C ILE A 13 2.29 2.33 2.20
N VAL A 14 1.07 1.84 2.37
CA VAL A 14 -0.03 2.69 2.80
C VAL A 14 -0.77 1.99 3.94
N HIS A 15 -2.02 2.42 4.13
CA HIS A 15 -2.85 1.85 5.18
C HIS A 15 -4.32 2.18 4.91
N TRP A 16 -4.75 1.85 3.70
CA TRP A 16 -6.12 2.11 3.31
C TRP A 16 -7.01 1.03 3.94
N THR A 17 -8.19 0.86 3.35
CA THR A 17 -9.13 -0.13 3.85
C THR A 17 -9.87 -0.79 2.67
N ALA A 18 -9.72 -2.10 2.59
CA ALA A 18 -10.36 -2.86 1.53
C ALA A 18 -11.78 -2.31 1.31
N ILE A 1 -9.72 -4.01 -3.46
CA ILE A 1 -9.54 -2.62 -3.03
C ILE A 1 -8.41 -2.55 -2.01
N ASN A 2 -7.60 -3.60 -1.99
CA ASN A 2 -6.49 -3.68 -1.07
C ASN A 2 -5.18 -3.58 -1.85
N TYR A 3 -4.88 -2.38 -2.32
CA TYR A 3 -3.67 -2.14 -3.09
C TYR A 3 -2.50 -1.79 -2.17
N TRP A 4 -2.47 -2.45 -1.02
CA TRP A 4 -1.42 -2.21 -0.05
C TRP A 4 -0.08 -2.25 -0.79
N LEU A 5 0.38 -3.46 -1.05
CA LEU A 5 1.64 -3.64 -1.75
C LEU A 5 2.78 -3.10 -0.89
N ALA A 6 2.43 -2.76 0.34
CA ALA A 6 3.42 -2.22 1.28
C ALA A 6 4.74 -2.98 1.10
N HIS A 7 5.69 -2.29 0.50
CA HIS A 7 7.00 -2.88 0.28
C HIS A 7 8.05 -1.78 0.13
N ALA A 8 7.86 -0.95 -0.89
CA ALA A 8 8.78 0.15 -1.15
C ALA A 8 8.28 0.95 -2.36
N LYS A 9 8.96 0.76 -3.47
CA LYS A 9 8.61 1.45 -4.70
C LYS A 9 8.11 2.85 -4.35
N ALA A 10 8.90 3.55 -3.56
CA ALA A 10 8.55 4.90 -3.14
C ALA A 10 7.60 4.83 -1.94
N GLY A 11 8.05 4.16 -0.90
CA GLY A 11 7.26 4.03 0.31
C GLY A 11 5.80 3.73 -0.04
N TYR A 12 5.62 2.79 -0.96
CA TYR A 12 4.28 2.40 -1.38
C TYR A 12 3.57 1.60 -0.30
N ILE A 13 3.47 2.22 0.88
CA ILE A 13 2.81 1.58 2.01
C ILE A 13 1.69 2.48 2.52
N VAL A 14 0.47 2.14 2.11
CA VAL A 14 -0.69 2.90 2.52
C VAL A 14 -1.42 2.16 3.64
N HIS A 15 -2.68 2.51 3.81
CA HIS A 15 -3.49 1.88 4.85
C HIS A 15 -4.97 2.20 4.60
N TRP A 16 -5.43 1.82 3.41
CA TRP A 16 -6.81 2.05 3.03
C TRP A 16 -7.68 1.05 3.80
N THR A 17 -8.89 0.85 3.28
CA THR A 17 -9.82 -0.07 3.91
C THR A 17 -10.63 -0.81 2.84
N ALA A 18 -10.19 -2.03 2.55
CA ALA A 18 -10.85 -2.85 1.57
C ALA A 18 -12.34 -2.97 1.91
N ILE A 1 -10.92 -6.64 -1.02
CA ILE A 1 -10.31 -5.40 -1.51
C ILE A 1 -9.28 -4.92 -0.48
N ASN A 2 -8.20 -4.36 -1.01
CA ASN A 2 -7.13 -3.85 -0.15
C ASN A 2 -5.85 -3.72 -0.96
N TYR A 3 -5.65 -2.55 -1.53
CA TYR A 3 -4.46 -2.29 -2.34
C TYR A 3 -3.30 -1.83 -1.46
N TRP A 4 -3.07 -2.58 -0.40
CA TRP A 4 -1.98 -2.25 0.52
C TRP A 4 -0.76 -1.87 -0.31
N LEU A 5 -0.33 -2.80 -1.15
CA LEU A 5 0.83 -2.56 -2.00
C LEU A 5 2.08 -2.46 -1.12
N ALA A 6 1.90 -2.75 0.15
CA ALA A 6 3.00 -2.70 1.10
C ALA A 6 4.17 -3.52 0.56
N HIS A 7 5.06 -2.84 -0.17
CA HIS A 7 6.22 -3.51 -0.74
C HIS A 7 7.47 -2.68 -0.46
N ALA A 8 7.54 -1.52 -1.12
CA ALA A 8 8.68 -0.64 -0.95
C ALA A 8 8.56 0.53 -1.91
N LYS A 9 9.46 0.55 -2.89
CA LYS A 9 9.45 1.61 -3.88
C LYS A 9 9.16 2.95 -3.20
N ALA A 10 10.14 3.40 -2.43
CA ALA A 10 9.99 4.66 -1.71
C ALA A 10 8.80 4.58 -0.77
N GLY A 11 8.90 3.64 0.18
CA GLY A 11 7.83 3.45 1.15
C GLY A 11 6.46 3.64 0.50
N TYR A 12 6.29 3.02 -0.66
CA TYR A 12 5.04 3.12 -1.38
C TYR A 12 3.88 2.56 -0.55
N ILE A 13 4.25 1.86 0.51
CA ILE A 13 3.26 1.27 1.40
C ILE A 13 2.23 2.33 1.79
N VAL A 14 0.97 1.97 1.64
CA VAL A 14 -0.12 2.89 1.98
C VAL A 14 -0.99 2.24 3.06
N HIS A 15 -2.14 2.87 3.29
CA HIS A 15 -3.07 2.38 4.29
C HIS A 15 -4.51 2.53 3.78
N TRP A 16 -4.71 2.12 2.54
CA TRP A 16 -6.01 2.21 1.92
C TRP A 16 -6.96 1.25 2.66
N THR A 17 -8.13 1.07 2.09
CA THR A 17 -9.13 0.19 2.67
C THR A 17 -9.87 -0.58 1.58
N ALA A 18 -10.74 -1.48 2.01
CA ALA A 18 -11.52 -2.28 1.08
C ALA A 18 -12.68 -1.45 0.54
N ILE A 1 -10.03 -0.84 -4.30
CA ILE A 1 -9.87 -2.02 -3.47
C ILE A 1 -8.69 -1.82 -2.53
N ASN A 2 -8.56 -2.74 -1.58
CA ASN A 2 -7.48 -2.67 -0.61
C ASN A 2 -6.16 -2.94 -1.31
N TYR A 3 -5.54 -1.85 -1.76
CA TYR A 3 -4.26 -1.95 -2.46
C TYR A 3 -3.10 -1.69 -1.51
N TRP A 4 -3.13 -2.39 -0.38
CA TRP A 4 -2.08 -2.25 0.62
C TRP A 4 -0.74 -2.24 -0.10
N LEU A 5 -0.27 -3.44 -0.43
CA LEU A 5 0.99 -3.59 -1.12
C LEU A 5 2.03 -2.67 -0.48
N ALA A 6 1.77 -2.32 0.77
CA ALA A 6 2.67 -1.45 1.51
C ALA A 6 4.11 -1.95 1.34
N HIS A 7 4.86 -1.23 0.52
CA HIS A 7 6.24 -1.59 0.26
C HIS A 7 6.97 -0.40 -0.35
N ALA A 8 8.26 -0.62 -0.63
CA ALA A 8 9.08 0.43 -1.21
C ALA A 8 8.26 1.19 -2.26
N LYS A 9 8.39 0.76 -3.50
CA LYS A 9 7.67 1.39 -4.60
C LYS A 9 7.53 2.88 -4.31
N ALA A 10 8.64 3.50 -3.98
CA ALA A 10 8.66 4.92 -3.68
C ALA A 10 7.91 5.17 -2.37
N GLY A 11 8.34 4.44 -1.34
CA GLY A 11 7.72 4.58 -0.03
C GLY A 11 6.20 4.46 -0.12
N TYR A 12 5.76 3.52 -0.94
CA TYR A 12 4.34 3.30 -1.13
C TYR A 12 3.70 2.70 0.12
N ILE A 13 4.56 2.35 1.07
CA ILE A 13 4.10 1.77 2.32
C ILE A 13 2.87 2.54 2.81
N VAL A 14 1.71 1.96 2.53
CA VAL A 14 0.46 2.57 2.92
C VAL A 14 -0.36 1.58 3.75
N HIS A 15 -1.65 1.84 3.82
CA HIS A 15 -2.57 0.97 4.56
C HIS A 15 -4.01 1.28 4.17
N TRP A 16 -4.30 1.08 2.90
CA TRP A 16 -5.63 1.34 2.39
C TRP A 16 -6.54 0.21 2.87
N THR A 17 -7.67 0.07 2.19
CA THR A 17 -8.64 -0.98 2.53
C THR A 17 -9.53 -1.29 1.33
N ALA A 18 -10.39 -2.27 1.53
CA ALA A 18 -11.31 -2.68 0.48
C ALA A 18 -12.04 -1.46 -0.06
N ILE A 1 -12.13 -2.71 -0.44
CA ILE A 1 -11.16 -3.27 -1.36
C ILE A 1 -9.86 -3.57 -0.60
N ASN A 2 -8.88 -4.06 -1.34
CA ASN A 2 -7.60 -4.40 -0.75
C ASN A 2 -6.47 -3.95 -1.70
N TYR A 3 -5.78 -2.90 -1.29
CA TYR A 3 -4.69 -2.36 -2.09
C TYR A 3 -3.49 -2.04 -1.21
N TRP A 4 -3.20 -2.96 -0.29
CA TRP A 4 -2.08 -2.78 0.61
C TRP A 4 -0.88 -2.32 -0.21
N LEU A 5 -0.22 -3.28 -0.84
CA LEU A 5 0.93 -2.99 -1.66
C LEU A 5 2.08 -2.49 -0.77
N ALA A 6 1.86 -2.61 0.54
CA ALA A 6 2.85 -2.19 1.51
C ALA A 6 4.23 -2.71 1.08
N HIS A 7 4.94 -1.87 0.34
CA HIS A 7 6.27 -2.23 -0.14
C HIS A 7 7.11 -0.96 -0.34
N ALA A 8 8.37 -1.18 -0.67
CA ALA A 8 9.28 -0.06 -0.89
C ALA A 8 8.80 0.76 -2.08
N LYS A 9 9.70 1.59 -2.60
CA LYS A 9 9.39 2.43 -3.73
C LYS A 9 8.74 3.73 -3.23
N ALA A 10 9.59 4.68 -2.88
CA ALA A 10 9.12 5.96 -2.39
C ALA A 10 7.96 5.74 -1.41
N GLY A 11 8.17 4.78 -0.52
CA GLY A 11 7.15 4.46 0.48
C GLY A 11 5.81 4.17 -0.19
N TYR A 12 5.87 3.50 -1.33
CA TYR A 12 4.67 3.17 -2.07
C TYR A 12 3.61 2.55 -1.15
N ILE A 13 4.08 2.01 -0.04
CA ILE A 13 3.20 1.38 0.93
C ILE A 13 2.06 2.35 1.27
N VAL A 14 0.87 1.79 1.42
CA VAL A 14 -0.30 2.59 1.74
C VAL A 14 -0.89 2.10 3.06
N HIS A 15 -2.18 2.38 3.24
CA HIS A 15 -2.87 1.97 4.44
C HIS A 15 -4.37 2.28 4.30
N TRP A 16 -4.94 1.78 3.21
CA TRP A 16 -6.36 2.00 2.95
C TRP A 16 -7.15 1.39 4.11
N THR A 17 -8.43 1.16 3.84
CA THR A 17 -9.30 0.58 4.86
C THR A 17 -10.46 -0.18 4.19
N ALA A 18 -10.23 -0.55 2.93
CA ALA A 18 -11.24 -1.27 2.18
C ALA A 18 -12.46 -0.38 1.97
N ILE A 1 -10.87 -2.79 -4.72
CA ILE A 1 -10.22 -3.25 -3.50
C ILE A 1 -9.03 -2.35 -3.19
N ASN A 2 -8.54 -2.47 -1.96
CA ASN A 2 -7.41 -1.68 -1.53
C ASN A 2 -6.12 -2.28 -2.09
N TYR A 3 -5.31 -1.40 -2.68
CA TYR A 3 -4.05 -1.84 -3.27
C TYR A 3 -2.89 -1.54 -2.33
N TRP A 4 -2.99 -2.08 -1.11
CA TRP A 4 -1.95 -1.89 -0.11
C TRP A 4 -0.59 -2.05 -0.80
N LEU A 5 -0.24 -3.30 -1.06
CA LEU A 5 1.03 -3.60 -1.71
C LEU A 5 2.17 -3.14 -0.82
N ALA A 6 1.82 -2.79 0.41
CA ALA A 6 2.81 -2.33 1.37
C ALA A 6 4.09 -3.14 1.20
N HIS A 7 5.09 -2.51 0.59
CA HIS A 7 6.36 -3.16 0.37
C HIS A 7 7.47 -2.11 0.28
N ALA A 8 7.33 -1.23 -0.71
CA ALA A 8 8.31 -0.18 -0.92
C ALA A 8 7.85 0.72 -2.08
N LYS A 9 8.19 0.29 -3.28
CA LYS A 9 7.82 1.04 -4.47
C LYS A 9 7.98 2.53 -4.20
N ALA A 10 9.10 2.88 -3.60
CA ALA A 10 9.39 4.26 -3.28
C ALA A 10 8.79 4.60 -1.91
N GLY A 11 7.54 4.20 -1.73
CA GLY A 11 6.84 4.44 -0.48
C GLY A 11 5.36 4.09 -0.61
N TYR A 12 5.10 3.02 -1.36
CA TYR A 12 3.73 2.57 -1.57
C TYR A 12 3.08 2.18 -0.24
N ILE A 13 3.92 1.99 0.77
CA ILE A 13 3.45 1.61 2.09
C ILE A 13 2.34 2.56 2.52
N VAL A 14 1.11 2.06 2.44
CA VAL A 14 -0.04 2.86 2.83
C VAL A 14 -0.80 2.14 3.94
N HIS A 15 -2.07 2.53 4.10
CA HIS A 15 -2.91 1.93 5.12
C HIS A 15 -4.38 2.18 4.78
N TRP A 16 -4.77 1.72 3.60
CA TRP A 16 -6.14 1.89 3.15
C TRP A 16 -7.00 0.83 3.85
N THR A 17 -8.17 0.58 3.26
CA THR A 17 -9.09 -0.40 3.82
C THR A 17 -9.98 -0.97 2.72
N ALA A 18 -9.58 -2.13 2.22
CA ALA A 18 -10.34 -2.79 1.18
C ALA A 18 -10.83 -1.75 0.17
N ILE A 1 -9.20 -3.30 -5.96
CA ILE A 1 -9.22 -2.62 -4.67
C ILE A 1 -8.13 -3.18 -3.77
N ASN A 2 -8.04 -2.63 -2.58
CA ASN A 2 -7.04 -3.06 -1.61
C ASN A 2 -5.64 -2.82 -2.21
N TYR A 3 -5.29 -1.55 -2.32
CA TYR A 3 -4.00 -1.17 -2.86
C TYR A 3 -2.98 -0.98 -1.74
N TRP A 4 -3.21 -1.70 -0.65
CA TRP A 4 -2.32 -1.62 0.50
C TRP A 4 -0.87 -1.57 -0.02
N LEU A 5 -0.37 -2.74 -0.38
CA LEU A 5 0.98 -2.84 -0.90
C LEU A 5 1.88 -1.86 -0.16
N ALA A 6 2.38 -2.28 0.99
CA ALA A 6 3.25 -1.45 1.79
C ALA A 6 4.64 -2.09 1.88
N HIS A 7 5.53 -1.61 1.02
CA HIS A 7 6.89 -2.12 0.98
C HIS A 7 7.85 -1.00 0.62
N ALA A 8 7.62 -0.42 -0.55
CA ALA A 8 8.46 0.66 -1.03
C ALA A 8 7.92 1.17 -2.37
N LYS A 9 8.35 0.51 -3.44
CA LYS A 9 7.91 0.89 -4.77
C LYS A 9 7.58 2.38 -4.80
N ALA A 10 8.54 3.18 -4.35
CA ALA A 10 8.36 4.62 -4.32
C ALA A 10 7.67 5.02 -3.01
N GLY A 11 8.10 4.36 -1.94
CA GLY A 11 7.54 4.63 -0.62
C GLY A 11 6.02 4.46 -0.62
N TYR A 12 5.58 3.35 -1.23
CA TYR A 12 4.17 3.05 -1.31
C TYR A 12 3.62 2.60 0.05
N ILE A 13 4.54 2.46 1.00
CA ILE A 13 4.16 2.03 2.34
C ILE A 13 2.86 2.73 2.75
N VAL A 14 1.80 1.94 2.83
CA VAL A 14 0.50 2.45 3.20
C VAL A 14 -0.25 1.41 4.03
N HIS A 15 -1.56 1.56 4.06
CA HIS A 15 -2.40 0.63 4.80
C HIS A 15 -3.86 0.82 4.38
N TRP A 16 -4.09 0.71 3.08
CA TRP A 16 -5.42 0.85 2.54
C TRP A 16 -6.23 -0.39 2.93
N THR A 17 -7.32 -0.60 2.20
CA THR A 17 -8.18 -1.74 2.45
C THR A 17 -9.04 -2.05 1.22
N ALA A 18 -9.88 -3.06 1.37
CA ALA A 18 -10.76 -3.47 0.29
C ALA A 18 -11.94 -2.50 0.19
#